data_5AR2
#
_entry.id   5AR2
#
_cell.length_a   132.566
_cell.length_b   132.566
_cell.length_c   107.788
_cell.angle_alpha   90.00
_cell.angle_beta   90.00
_cell.angle_gamma   120.00
#
_symmetry.space_group_name_H-M   'P 32 2 1'
#
loop_
_entity.id
_entity.type
_entity.pdbx_description
1 polymer 'RECEPTOR-INTERACTING SERINE/THREONINE-PROTEIN KINASE 2'
2 non-polymer 'CALCIUM ION'
3 water water
#
_entity_poly.entity_id   1
_entity_poly.type   'polypeptide(L)'
_entity_poly.pdbx_seq_one_letter_code
;MDYKDDDDKENLYFQGMNGEAICSALPTIPYHKLADLRYLSRGASGTVSSARHADWRVQVAVKHLHIHTPLLDSERKDVL
REAEILHKARFSYILPILGICNEPEFLGIVTEYMPNGSLNELLHRKTEYPDVAWPLRFRILHEIALGVNYLHNMTPPLLH
HDLKTQNILLDNEFHVKIADFGLSKWRMMSLSQSRSSKSAPEGGTIIYMPPENYEPGQKSRASIKHDIYSYAVITWEVLS
RKQPFEDVTNPLQIMYSVSQGHRPVINEESLPYDIPHRARMISLIESGWAQNPDERPSFLKCLIELEPVLRTFEEITFLE
AVIQLK
;
_entity_poly.pdbx_strand_id   A,B
#
loop_
_chem_comp.id
_chem_comp.type
_chem_comp.name
_chem_comp.formula
CA non-polymer 'CALCIUM ION' 'Ca 2'
#
# COMPACT_ATOMS: atom_id res chain seq x y z
N GLU A 20 10.53 -17.73 -16.12
CA GLU A 20 10.44 -17.28 -14.70
C GLU A 20 11.21 -15.96 -14.44
N ALA A 21 11.60 -15.29 -15.54
CA ALA A 21 12.21 -13.95 -15.50
C ALA A 21 11.07 -12.91 -15.52
N ILE A 22 10.04 -13.19 -14.71
CA ILE A 22 8.78 -12.41 -14.57
C ILE A 22 8.97 -10.89 -14.54
N CYS A 23 8.45 -10.20 -15.56
CA CYS A 23 8.56 -8.74 -15.72
C CYS A 23 7.25 -7.94 -15.76
N SER A 24 7.24 -6.79 -15.09
CA SER A 24 6.09 -5.90 -15.06
C SER A 24 6.47 -4.58 -15.73
N ALA A 25 5.56 -4.05 -16.54
CA ALA A 25 5.84 -2.81 -17.26
C ALA A 25 5.13 -1.62 -16.64
N LEU A 26 5.83 -0.49 -16.57
CA LEU A 26 5.26 0.72 -16.04
C LEU A 26 4.33 1.33 -17.09
N PRO A 27 3.04 1.50 -16.74
CA PRO A 27 2.05 2.05 -17.69
C PRO A 27 2.38 3.46 -18.14
N THR A 28 1.96 3.77 -19.38
CA THR A 28 2.11 5.10 -19.95
C THR A 28 0.77 5.81 -19.79
N ILE A 29 0.77 7.00 -19.22
CA ILE A 29 -0.47 7.70 -18.99
C ILE A 29 -0.58 8.88 -19.95
N PRO A 30 -1.64 8.91 -20.77
CA PRO A 30 -1.87 10.03 -21.69
C PRO A 30 -2.21 11.32 -20.92
N TYR A 31 -1.53 12.41 -21.25
CA TYR A 31 -1.73 13.69 -20.55
C TYR A 31 -3.21 14.12 -20.41
N HIS A 32 -4.03 13.76 -21.38
CA HIS A 32 -5.44 14.13 -21.33
C HIS A 32 -6.23 13.35 -20.24
N LYS A 33 -5.56 12.36 -19.65
CA LYS A 33 -6.15 11.53 -18.59
C LYS A 33 -5.96 12.16 -17.19
N LEU A 34 -5.01 13.07 -17.09
CA LEU A 34 -4.72 13.77 -15.85
C LEU A 34 -5.61 15.00 -15.76
N ALA A 35 -6.83 14.79 -15.28
CA ALA A 35 -7.79 15.86 -15.14
C ALA A 35 -7.58 16.67 -13.85
N ASP A 36 -7.97 17.94 -13.90
CA ASP A 36 -7.89 18.89 -12.77
C ASP A 36 -6.49 19.20 -12.27
N LEU A 37 -5.52 19.31 -13.18
CA LEU A 37 -4.15 19.69 -12.82
C LEU A 37 -4.07 20.98 -12.01
N ARG A 38 -3.50 20.87 -10.80
CA ARG A 38 -3.31 21.97 -9.87
C ARG A 38 -1.87 22.01 -9.36
N TYR A 39 -1.31 23.22 -9.32
CA TYR A 39 0.03 23.45 -8.79
C TYR A 39 0.09 23.18 -7.28
N LEU A 40 1.23 22.67 -6.80
CA LEU A 40 1.47 22.46 -5.35
C LEU A 40 2.80 23.07 -4.90
N SER A 41 3.90 22.33 -5.10
CA SER A 41 5.23 22.80 -4.70
C SER A 41 6.31 22.39 -5.72
N GLY A 46 11.85 20.00 -8.90
CA GLY A 46 10.76 19.83 -9.85
C GLY A 46 9.44 20.41 -9.38
N THR A 47 8.49 20.51 -10.31
CA THR A 47 7.16 21.05 -10.02
C THR A 47 6.16 19.92 -9.77
N VAL A 48 5.61 19.90 -8.56
CA VAL A 48 4.65 18.87 -8.18
C VAL A 48 3.23 19.39 -8.31
N SER A 49 2.40 18.64 -9.02
CA SER A 49 1.00 18.99 -9.21
C SER A 49 0.10 17.82 -8.83
N SER A 50 -1.13 18.13 -8.41
CA SER A 50 -2.09 17.08 -8.13
C SER A 50 -3.06 16.97 -9.32
N ALA A 51 -3.70 15.81 -9.46
CA ALA A 51 -4.63 15.57 -10.55
C ALA A 51 -5.55 14.44 -10.13
N ARG A 52 -6.45 14.06 -11.02
CA ARG A 52 -7.29 12.88 -10.81
C ARG A 52 -7.25 12.13 -12.12
N HIS A 53 -7.07 10.82 -12.04
CA HIS A 53 -7.03 10.03 -13.26
C HIS A 53 -8.47 9.83 -13.74
N ALA A 54 -8.70 10.20 -15.00
CA ALA A 54 -10.04 10.16 -15.62
C ALA A 54 -10.67 8.77 -15.64
N ASP A 55 -9.86 7.75 -15.89
CA ASP A 55 -10.34 6.36 -15.93
C ASP A 55 -10.30 5.66 -14.57
N TRP A 56 -9.19 5.78 -13.85
CA TRP A 56 -9.00 5.08 -12.56
C TRP A 56 -9.76 5.67 -11.39
N ARG A 57 -10.11 6.95 -11.47
CA ARG A 57 -10.95 7.61 -10.47
C ARG A 57 -10.26 7.79 -9.13
N VAL A 58 -8.96 8.00 -9.19
CA VAL A 58 -8.18 8.23 -8.00
C VAL A 58 -7.44 9.55 -8.14
N GLN A 59 -7.18 10.18 -7.00
CA GLN A 59 -6.38 11.39 -6.96
C GLN A 59 -4.92 10.92 -7.08
N VAL A 60 -4.11 11.63 -7.88
CA VAL A 60 -2.71 11.28 -8.08
C VAL A 60 -1.79 12.50 -7.95
N ALA A 61 -0.48 12.28 -7.93
CA ALA A 61 0.47 13.39 -7.90
C ALA A 61 1.34 13.31 -9.14
N VAL A 62 1.70 14.47 -9.69
CA VAL A 62 2.51 14.54 -10.92
C VAL A 62 3.72 15.44 -10.71
N LYS A 63 4.89 14.92 -11.05
CA LYS A 63 6.15 15.65 -10.94
C LYS A 63 6.68 15.85 -12.37
N HIS A 64 6.83 17.12 -12.76
CA HIS A 64 7.25 17.48 -14.14
C HIS A 64 8.28 18.60 -14.24
N LEU A 71 11.45 22.61 -22.72
CA LEU A 71 12.27 22.79 -21.53
C LEU A 71 13.72 22.36 -21.77
N LEU A 72 13.99 21.06 -21.78
CA LEU A 72 15.34 20.53 -22.00
C LEU A 72 15.33 19.27 -22.90
N ASP A 73 16.50 18.65 -23.07
CA ASP A 73 16.64 17.44 -23.89
C ASP A 73 17.34 16.30 -23.15
N SER A 74 18.27 16.65 -22.27
CA SER A 74 18.99 15.66 -21.46
C SER A 74 18.40 15.57 -20.05
N GLU A 75 17.50 16.50 -19.72
CA GLU A 75 16.78 16.48 -18.45
C GLU A 75 15.69 15.41 -18.52
N ARG A 76 15.45 14.93 -19.73
CA ARG A 76 14.52 13.85 -20.03
C ARG A 76 15.08 12.51 -19.51
N LYS A 77 16.39 12.32 -19.72
CA LYS A 77 17.07 11.10 -19.26
C LYS A 77 17.03 10.98 -17.74
N ASP A 78 17.02 12.12 -17.04
CA ASP A 78 16.93 12.15 -15.57
C ASP A 78 15.58 11.65 -15.09
N VAL A 79 14.51 12.17 -15.69
CA VAL A 79 13.14 11.80 -15.35
C VAL A 79 12.87 10.31 -15.62
N LEU A 80 13.30 9.82 -16.78
CA LEU A 80 13.13 8.41 -17.12
C LEU A 80 13.90 7.51 -16.16
N ARG A 81 15.10 7.93 -15.81
CA ARG A 81 15.96 7.18 -14.88
C ARG A 81 15.32 7.08 -13.50
N GLU A 82 14.77 8.21 -13.01
CA GLU A 82 14.09 8.21 -11.73
C GLU A 82 12.86 7.30 -11.74
N ALA A 83 12.03 7.43 -12.78
CA ALA A 83 10.84 6.60 -12.94
C ALA A 83 11.19 5.13 -13.00
N GLU A 84 12.36 4.81 -13.54
CA GLU A 84 12.78 3.41 -13.60
C GLU A 84 13.18 2.92 -12.21
N ILE A 85 13.85 3.78 -11.45
CA ILE A 85 14.26 3.45 -10.08
C ILE A 85 13.04 3.18 -9.18
N LEU A 86 12.08 4.09 -9.19
CA LEU A 86 10.84 3.93 -8.44
C LEU A 86 10.07 2.67 -8.86
N HIS A 87 10.07 2.38 -10.15
CA HIS A 87 9.35 1.22 -10.63
C HIS A 87 10.02 -0.06 -10.16
N LYS A 88 11.35 -0.06 -10.13
CA LYS A 88 12.11 -1.24 -9.68
C LYS A 88 12.16 -1.41 -8.16
N ALA A 89 12.11 -0.30 -7.43
CA ALA A 89 12.20 -0.35 -5.98
C ALA A 89 10.86 -0.47 -5.24
N ARG A 90 9.78 -0.83 -5.95
CA ARG A 90 8.47 -1.01 -5.32
C ARG A 90 8.56 -1.76 -4.00
N PHE A 91 7.95 -1.21 -2.96
CA PHE A 91 7.97 -1.86 -1.66
C PHE A 91 7.05 -1.09 -0.74
N SER A 92 6.64 -1.72 0.35
CA SER A 92 5.66 -1.15 1.28
C SER A 92 5.97 0.26 1.78
N TYR A 93 7.25 0.62 1.85
CA TYR A 93 7.64 1.92 2.40
C TYR A 93 8.32 2.88 1.42
N ILE A 94 8.23 2.54 0.14
CA ILE A 94 8.75 3.36 -0.95
C ILE A 94 7.52 3.93 -1.68
N LEU A 95 7.59 5.20 -2.11
CA LEU A 95 6.49 5.86 -2.86
C LEU A 95 6.09 5.06 -4.11
N PRO A 96 4.83 4.63 -4.19
CA PRO A 96 4.42 3.86 -5.38
C PRO A 96 4.27 4.74 -6.61
N ILE A 97 4.85 4.29 -7.72
CA ILE A 97 4.75 4.96 -9.02
C ILE A 97 3.60 4.33 -9.81
N LEU A 98 2.65 5.15 -10.26
CA LEU A 98 1.47 4.66 -10.98
C LEU A 98 1.63 4.67 -12.49
N GLY A 99 2.65 5.38 -12.97
CA GLY A 99 2.92 5.45 -14.38
C GLY A 99 3.73 6.67 -14.79
N ILE A 100 4.13 6.66 -16.06
CA ILE A 100 4.88 7.76 -16.65
C ILE A 100 4.03 8.44 -17.72
N CYS A 101 4.05 9.78 -17.71
CA CYS A 101 3.37 10.56 -18.73
C CYS A 101 4.47 11.09 -19.65
N ASN A 102 4.70 10.38 -20.77
CA ASN A 102 5.80 10.69 -21.70
C ASN A 102 5.37 11.08 -23.11
N GLU A 103 5.34 12.37 -23.35
CA GLU A 103 4.90 12.90 -24.63
C GLU A 103 5.83 14.02 -25.09
N PRO A 104 5.73 14.39 -26.39
CA PRO A 104 6.46 15.55 -26.87
C PRO A 104 5.99 16.81 -26.14
N GLU A 105 4.68 16.89 -25.90
CA GLU A 105 4.05 18.01 -25.19
C GLU A 105 4.36 18.08 -23.69
N PHE A 106 4.51 16.93 -23.04
CA PHE A 106 4.64 16.89 -21.57
C PHE A 106 5.42 15.68 -21.04
N LEU A 107 6.20 15.91 -19.98
CA LEU A 107 6.97 14.81 -19.35
C LEU A 107 6.80 14.77 -17.83
N GLY A 108 6.24 13.68 -17.32
CA GLY A 108 5.99 13.55 -15.89
C GLY A 108 5.97 12.16 -15.28
N ILE A 109 6.28 12.14 -13.99
CA ILE A 109 6.23 10.93 -13.17
C ILE A 109 4.93 11.00 -12.37
N VAL A 110 4.13 9.94 -12.46
CA VAL A 110 2.84 9.89 -11.77
C VAL A 110 2.89 8.92 -10.59
N THR A 111 2.62 9.42 -9.39
CA THR A 111 2.68 8.62 -8.18
C THR A 111 1.41 8.74 -7.35
N GLU A 112 1.26 7.86 -6.36
CA GLU A 112 0.12 7.94 -5.46
C GLU A 112 0.17 9.28 -4.77
N TYR A 113 -1.01 9.85 -4.53
CA TYR A 113 -1.12 11.12 -3.88
C TYR A 113 -0.90 10.92 -2.37
N MET A 114 -0.11 11.78 -1.75
CA MET A 114 0.15 11.66 -0.31
C MET A 114 -0.55 12.81 0.42
N PRO A 115 -1.72 12.53 1.02
CA PRO A 115 -2.56 13.61 1.58
C PRO A 115 -1.95 14.33 2.77
N ASN A 116 -1.04 13.68 3.49
CA ASN A 116 -0.52 14.30 4.69
C ASN A 116 0.87 14.93 4.55
N GLY A 117 1.30 15.16 3.33
CA GLY A 117 2.58 15.82 3.09
C GLY A 117 3.84 15.07 3.49
N SER A 118 4.77 15.79 4.10
CA SER A 118 6.07 15.24 4.47
C SER A 118 6.27 15.24 5.98
N LEU A 119 7.29 14.51 6.41
CA LEU A 119 7.68 14.47 7.81
C LEU A 119 8.12 15.85 8.29
N ASN A 120 8.76 16.61 7.40
CA ASN A 120 9.15 17.99 7.70
C ASN A 120 7.97 18.83 8.23
N GLU A 121 6.84 18.76 7.53
CA GLU A 121 5.65 19.51 7.96
C GLU A 121 5.11 19.03 9.28
N LEU A 122 5.13 17.71 9.49
CA LEU A 122 4.62 17.16 10.74
C LEU A 122 5.44 17.62 11.94
N LEU A 123 6.78 17.63 11.80
CA LEU A 123 7.61 17.96 12.95
C LEU A 123 7.66 19.43 13.25
N HIS A 124 7.54 20.26 12.22
CA HIS A 124 7.75 21.70 12.38
C HIS A 124 6.54 22.62 12.39
N ARG A 125 5.41 22.16 11.85
CA ARG A 125 4.17 22.95 11.93
C ARG A 125 3.50 22.71 13.26
N LYS A 126 4.05 23.33 14.30
CA LYS A 126 3.63 23.14 15.67
C LYS A 126 2.26 23.72 16.07
N THR A 127 1.72 24.66 15.30
CA THR A 127 0.40 25.14 15.69
C THR A 127 -0.64 24.23 15.00
N GLU A 128 -0.30 23.79 13.80
CA GLU A 128 -1.14 22.81 13.12
C GLU A 128 -1.10 21.45 13.86
N TYR A 129 0.07 21.06 14.38
CA TYR A 129 0.21 19.77 15.08
C TYR A 129 0.88 19.94 16.41
N PRO A 130 0.14 20.44 17.42
CA PRO A 130 0.78 20.65 18.70
C PRO A 130 1.30 19.35 19.36
N ASP A 131 0.65 18.22 19.09
CA ASP A 131 1.05 16.95 19.71
C ASP A 131 1.25 15.83 18.71
N VAL A 132 2.47 15.31 18.67
CA VAL A 132 2.75 14.14 17.87
C VAL A 132 3.23 13.12 18.88
N ALA A 133 2.33 12.21 19.28
CA ALA A 133 2.62 11.21 20.31
C ALA A 133 3.80 10.32 19.95
N TRP A 134 4.57 9.91 20.97
CA TRP A 134 5.74 9.05 20.78
C TRP A 134 5.52 7.78 19.93
N PRO A 135 4.41 7.04 20.15
CA PRO A 135 4.25 5.82 19.35
C PRO A 135 4.33 6.10 17.84
N LEU A 136 3.70 7.18 17.40
CA LEU A 136 3.73 7.48 15.98
C LEU A 136 5.15 7.87 15.51
N ARG A 137 5.86 8.64 16.32
CA ARG A 137 7.22 9.04 15.97
C ARG A 137 8.10 7.81 15.83
N PHE A 138 7.97 6.88 16.77
CA PHE A 138 8.75 5.64 16.68
C PHE A 138 8.37 4.80 15.45
N ARG A 139 7.07 4.75 15.12
CA ARG A 139 6.62 3.99 13.96
C ARG A 139 7.23 4.56 12.68
N ILE A 140 7.23 5.88 12.56
CA ILE A 140 7.84 6.56 11.43
C ILE A 140 9.33 6.21 11.33
N LEU A 141 10.05 6.27 12.45
CA LEU A 141 11.46 5.93 12.46
C LEU A 141 11.72 4.48 12.04
N HIS A 142 10.85 3.56 12.47
CA HIS A 142 10.95 2.16 12.08
C HIS A 142 10.72 1.96 10.56
N GLU A 143 9.69 2.63 10.03
CA GLU A 143 9.33 2.47 8.62
C GLU A 143 10.37 3.07 7.69
N ILE A 144 10.94 4.22 8.06
CA ILE A 144 12.02 4.81 7.27
C ILE A 144 13.17 3.80 7.15
N ALA A 145 13.53 3.18 8.27
CA ALA A 145 14.62 2.20 8.32
C ALA A 145 14.28 0.95 7.50
N LEU A 146 13.04 0.46 7.62
CA LEU A 146 12.58 -0.67 6.81
C LEU A 146 12.72 -0.37 5.31
N GLY A 147 12.36 0.85 4.90
CA GLY A 147 12.46 1.22 3.50
C GLY A 147 13.90 1.29 2.99
N VAL A 148 14.78 1.98 3.71
CA VAL A 148 16.16 2.12 3.27
C VAL A 148 16.83 0.75 3.27
N ASN A 149 16.55 -0.04 4.31
CA ASN A 149 17.10 -1.39 4.39
C ASN A 149 16.77 -2.17 3.13
N TYR A 150 15.51 -2.04 2.66
CA TYR A 150 15.05 -2.75 1.47
C TYR A 150 15.86 -2.32 0.25
N LEU A 151 16.03 -1.01 0.09
CA LEU A 151 16.83 -0.46 -1.00
C LEU A 151 18.25 -1.05 -0.98
N HIS A 152 18.86 -1.11 0.21
CA HIS A 152 20.23 -1.58 0.37
C HIS A 152 20.34 -3.08 0.11
N ASN A 153 19.22 -3.79 0.24
CA ASN A 153 19.19 -5.21 0.00
C ASN A 153 18.82 -5.60 -1.42
N MET A 154 18.57 -4.60 -2.27
CA MET A 154 18.24 -4.89 -3.66
C MET A 154 19.49 -5.41 -4.36
N THR A 155 19.30 -5.95 -5.54
CA THR A 155 20.43 -6.44 -6.29
C THR A 155 20.53 -5.82 -7.68
N PRO A 156 21.53 -4.95 -7.89
CA PRO A 156 22.51 -4.52 -6.89
C PRO A 156 21.92 -3.50 -5.90
N PRO A 157 22.62 -3.22 -4.78
CA PRO A 157 22.14 -2.27 -3.77
C PRO A 157 21.81 -0.91 -4.34
N LEU A 158 20.71 -0.32 -3.87
CA LEU A 158 20.34 1.02 -4.24
C LEU A 158 20.61 1.90 -3.01
N LEU A 159 21.37 2.96 -3.21
CA LEU A 159 21.68 3.88 -2.16
C LEU A 159 20.89 5.16 -2.45
N HIS A 160 20.17 5.68 -1.47
CA HIS A 160 19.30 6.81 -1.71
C HIS A 160 20.07 8.12 -1.87
N HIS A 161 20.91 8.42 -0.89
CA HIS A 161 21.83 9.55 -0.94
C HIS A 161 21.22 10.94 -0.89
N ASP A 162 19.92 11.03 -0.63
CA ASP A 162 19.32 12.33 -0.45
C ASP A 162 18.18 12.32 0.59
N LEU A 163 18.33 11.52 1.63
CA LEU A 163 17.32 11.41 2.70
C LEU A 163 17.25 12.69 3.51
N LYS A 164 16.04 13.17 3.74
CA LYS A 164 15.75 14.34 4.57
C LYS A 164 14.30 14.30 4.97
N THR A 165 13.93 14.99 6.06
CA THR A 165 12.54 14.95 6.51
C THR A 165 11.56 15.38 5.41
N GLN A 166 12.05 16.24 4.52
N GLN A 166 12.01 16.23 4.50
CA GLN A 166 11.33 16.75 3.36
CA GLN A 166 11.20 16.71 3.38
C GLN A 166 10.93 15.64 2.36
C GLN A 166 10.89 15.60 2.36
N ASN A 167 11.76 14.61 2.25
CA ASN A 167 11.55 13.46 1.34
C ASN A 167 10.88 12.21 1.97
N ILE A 168 10.48 12.29 3.22
CA ILE A 168 9.76 11.19 3.85
C ILE A 168 8.29 11.61 3.78
N LEU A 169 7.55 11.01 2.86
CA LEU A 169 6.13 11.38 2.71
C LEU A 169 5.23 10.53 3.62
N LEU A 170 4.07 11.07 3.96
CA LEU A 170 3.11 10.44 4.86
C LEU A 170 1.77 10.19 4.16
N ASP A 171 1.31 8.95 4.16
CA ASP A 171 0.08 8.59 3.47
C ASP A 171 -1.14 8.95 4.30
N ASN A 172 -2.31 8.42 3.94
CA ASN A 172 -3.54 8.76 4.63
C ASN A 172 -3.54 8.42 6.13
N GLU A 173 -2.82 7.38 6.54
CA GLU A 173 -2.73 7.04 7.96
C GLU A 173 -1.34 7.25 8.55
N PHE A 174 -0.61 8.17 7.92
CA PHE A 174 0.70 8.56 8.40
C PHE A 174 1.72 7.44 8.39
N HIS A 175 1.56 6.51 7.45
CA HIS A 175 2.56 5.50 7.19
C HIS A 175 3.52 6.16 6.21
N VAL A 176 4.77 5.72 6.24
CA VAL A 176 5.87 6.31 5.48
C VAL A 176 6.00 5.85 4.03
N LYS A 177 6.25 6.81 3.15
CA LYS A 177 6.64 6.50 1.76
C LYS A 177 7.87 7.32 1.49
N ILE A 178 9.00 6.67 1.27
CA ILE A 178 10.24 7.34 0.91
C ILE A 178 10.18 7.78 -0.54
N ALA A 179 10.53 9.05 -0.79
CA ALA A 179 10.51 9.60 -2.14
C ALA A 179 11.83 10.25 -2.58
N ASP A 180 11.79 10.83 -3.78
CA ASP A 180 12.87 11.64 -4.37
C ASP A 180 14.20 10.88 -4.60
N PHE A 181 14.19 10.12 -5.68
CA PHE A 181 15.32 9.27 -6.06
C PHE A 181 16.26 9.93 -7.09
N GLY A 182 16.26 11.26 -7.11
CA GLY A 182 17.09 12.04 -8.00
C GLY A 182 18.58 11.81 -7.86
N LEU A 183 19.07 11.75 -6.63
CA LEU A 183 20.51 11.54 -6.39
C LEU A 183 20.85 10.09 -6.10
N SER A 184 19.89 9.18 -6.24
CA SER A 184 20.13 7.79 -5.89
C SER A 184 21.10 7.11 -6.84
N LYS A 185 21.83 6.13 -6.32
CA LYS A 185 22.83 5.40 -7.07
C LYS A 185 22.80 3.90 -6.83
N TRP A 186 23.12 3.14 -7.87
CA TRP A 186 23.24 1.69 -7.80
C TRP A 186 24.69 1.41 -7.44
N ARG A 187 24.94 0.47 -6.52
CA ARG A 187 26.31 0.15 -6.16
C ARG A 187 26.93 -0.88 -7.13
N MET A 188 27.67 -0.37 -8.12
CA MET A 188 28.31 -1.20 -9.14
C MET A 188 29.80 -0.92 -9.23
N GLY A 203 23.15 21.30 -5.16
CA GLY A 203 23.07 22.41 -4.22
C GLY A 203 21.71 22.53 -3.54
N GLY A 204 21.72 22.37 -2.23
CA GLY A 204 20.51 22.43 -1.39
C GLY A 204 20.92 22.34 0.06
N THR A 205 20.04 21.84 0.94
CA THR A 205 20.38 21.67 2.37
C THR A 205 21.48 20.62 2.53
N ILE A 206 22.42 20.88 3.44
CA ILE A 206 23.53 19.96 3.66
C ILE A 206 23.53 19.33 5.05
N ILE A 207 22.47 19.57 5.81
CA ILE A 207 22.41 19.09 7.20
C ILE A 207 22.38 17.55 7.35
N TYR A 208 21.96 16.84 6.30
CA TYR A 208 21.88 15.38 6.34
C TYR A 208 23.06 14.70 5.65
N MET A 209 24.06 15.48 5.24
CA MET A 209 25.19 14.97 4.48
C MET A 209 26.40 14.64 5.36
N PRO A 210 26.92 13.40 5.28
CA PRO A 210 28.10 13.05 6.09
C PRO A 210 29.31 13.89 5.64
N PRO A 211 30.20 14.25 6.58
CA PRO A 211 31.34 15.15 6.26
C PRO A 211 32.26 14.65 5.15
N GLU A 212 32.49 13.34 5.08
CA GLU A 212 33.38 12.83 4.05
C GLU A 212 32.88 13.13 2.64
N ASN A 213 31.65 13.66 2.54
CA ASN A 213 31.06 14.02 1.24
C ASN A 213 31.28 15.45 0.77
N TYR A 214 31.83 16.31 1.62
CA TYR A 214 32.07 17.68 1.21
C TYR A 214 33.23 17.78 0.21
N GLU A 215 34.14 16.80 0.25
CA GLU A 215 35.26 16.74 -0.70
C GLU A 215 35.23 15.42 -1.52
N PRO A 216 34.18 15.24 -2.37
CA PRO A 216 33.92 14.02 -3.17
C PRO A 216 35.17 13.27 -3.67
N SER A 223 30.05 5.59 -1.28
CA SER A 223 30.00 5.16 0.12
C SER A 223 28.65 4.55 0.50
N ILE A 224 28.70 3.41 1.17
CA ILE A 224 27.49 2.75 1.63
C ILE A 224 27.02 3.33 2.96
N LYS A 225 27.87 4.15 3.59
CA LYS A 225 27.59 4.69 4.91
C LYS A 225 26.97 6.09 4.93
N HIS A 226 26.46 6.55 3.80
CA HIS A 226 25.85 7.86 3.71
C HIS A 226 24.42 7.84 4.32
N ASP A 227 23.56 6.95 3.85
CA ASP A 227 22.15 6.92 4.28
C ASP A 227 21.97 6.82 5.79
N ILE A 228 22.79 5.97 6.43
CA ILE A 228 22.68 5.83 7.88
C ILE A 228 22.98 7.17 8.60
N TYR A 229 23.89 7.96 8.02
CA TYR A 229 24.25 9.26 8.59
C TYR A 229 23.04 10.16 8.55
N SER A 230 22.40 10.23 7.37
CA SER A 230 21.21 11.06 7.20
C SER A 230 20.11 10.56 8.15
N TYR A 231 20.01 9.24 8.28
CA TYR A 231 19.02 8.62 9.18
C TYR A 231 19.21 9.05 10.62
N ALA A 232 20.47 9.14 11.06
CA ALA A 232 20.78 9.59 12.43
C ALA A 232 20.30 11.04 12.68
N VAL A 233 20.54 11.92 11.70
CA VAL A 233 20.10 13.32 11.80
C VAL A 233 18.55 13.38 11.83
N ILE A 234 17.91 12.61 10.95
CA ILE A 234 16.45 12.54 10.93
C ILE A 234 15.91 12.10 12.29
N THR A 235 16.56 11.07 12.89
CA THR A 235 16.11 10.55 14.16
C THR A 235 16.17 11.64 15.24
N TRP A 236 17.27 12.39 15.25
CA TRP A 236 17.45 13.49 16.20
C TRP A 236 16.34 14.52 15.99
N GLU A 237 16.06 14.82 14.71
CA GLU A 237 15.06 15.80 14.31
C GLU A 237 13.68 15.34 14.79
N VAL A 238 13.38 14.06 14.55
CA VAL A 238 12.10 13.49 14.96
C VAL A 238 11.90 13.54 16.48
N LEU A 239 12.94 13.18 17.22
CA LEU A 239 12.80 13.11 18.68
C LEU A 239 12.81 14.49 19.37
N SER A 240 13.41 15.50 18.72
CA SER A 240 13.50 16.85 19.32
C SER A 240 12.50 17.85 18.77
N ARG A 241 11.99 17.58 17.57
CA ARG A 241 11.14 18.53 16.83
C ARG A 241 11.87 19.86 16.62
N LYS A 242 13.20 19.80 16.56
CA LYS A 242 13.99 21.01 16.35
C LYS A 242 14.71 20.96 15.03
N GLN A 243 15.11 22.13 14.56
CA GLN A 243 15.86 22.20 13.34
C GLN A 243 17.32 21.93 13.74
N PRO A 244 17.99 20.98 13.07
CA PRO A 244 19.40 20.70 13.40
C PRO A 244 20.24 21.96 13.24
N PHE A 245 21.13 22.24 14.20
CA PHE A 245 21.97 23.46 14.13
C PHE A 245 21.12 24.74 14.06
N GLU A 246 20.30 24.98 15.07
CA GLU A 246 19.39 26.14 15.15
C GLU A 246 20.07 27.50 15.04
N ASP A 247 21.04 27.71 15.91
CA ASP A 247 21.74 28.97 16.07
C ASP A 247 22.74 29.31 14.95
N VAL A 248 22.82 28.49 13.92
CA VAL A 248 23.82 28.70 12.86
C VAL A 248 23.26 29.49 11.67
N THR A 249 23.83 30.68 11.45
CA THR A 249 23.37 31.62 10.41
C THR A 249 23.87 31.34 9.00
N ASN A 250 24.94 30.55 8.86
CA ASN A 250 25.52 30.27 7.54
C ASN A 250 25.76 28.77 7.37
N PRO A 251 25.34 28.20 6.23
CA PRO A 251 25.55 26.76 6.02
C PRO A 251 27.04 26.32 5.98
N LEU A 252 27.95 27.24 5.66
CA LEU A 252 29.38 26.92 5.66
C LEU A 252 29.87 26.71 7.08
N GLN A 253 29.20 27.35 8.03
CA GLN A 253 29.54 27.15 9.45
C GLN A 253 29.13 25.76 9.90
N ILE A 254 28.05 25.23 9.31
CA ILE A 254 27.56 23.88 9.60
C ILE A 254 28.59 22.90 9.04
N MET A 255 28.91 23.09 7.76
CA MET A 255 29.87 22.25 7.07
C MET A 255 31.21 22.22 7.80
N TYR A 256 31.64 23.37 8.28
CA TYR A 256 32.90 23.43 9.01
C TYR A 256 32.79 22.67 10.31
N SER A 257 31.77 22.99 11.09
CA SER A 257 31.56 22.32 12.37
C SER A 257 31.46 20.80 12.23
N VAL A 258 30.64 20.33 11.31
CA VAL A 258 30.46 18.90 11.10
C VAL A 258 31.82 18.24 10.73
N SER A 259 32.57 18.87 9.84
CA SER A 259 33.89 18.36 9.46
C SER A 259 34.85 18.20 10.66
N GLN A 260 34.66 19.03 11.69
CA GLN A 260 35.45 18.94 12.94
C GLN A 260 34.79 17.99 13.93
N GLY A 261 33.75 17.27 13.52
CA GLY A 261 33.10 16.32 14.41
C GLY A 261 31.98 16.84 15.30
N HIS A 262 31.59 18.10 15.14
CA HIS A 262 30.42 18.63 15.89
C HIS A 262 29.13 18.07 15.28
N ARG A 263 28.07 18.01 16.09
CA ARG A 263 26.79 17.43 15.66
C ARG A 263 25.63 18.16 16.31
N PRO A 264 24.39 17.95 15.81
CA PRO A 264 23.27 18.57 16.52
C PRO A 264 23.34 18.25 18.00
N VAL A 265 23.00 19.24 18.82
CA VAL A 265 23.20 19.17 20.28
C VAL A 265 22.33 18.14 21.01
N ILE A 266 22.97 17.37 21.88
CA ILE A 266 22.26 16.40 22.70
C ILE A 266 22.34 16.74 24.20
N ASN A 267 21.23 17.25 24.73
CA ASN A 267 21.10 17.57 26.14
C ASN A 267 19.61 17.58 26.51
N GLU A 268 19.28 18.01 27.73
CA GLU A 268 17.89 17.97 28.19
C GLU A 268 16.93 18.88 27.44
N GLU A 269 17.45 19.96 26.86
CA GLU A 269 16.58 20.89 26.12
C GLU A 269 16.21 20.34 24.74
N SER A 270 17.19 19.77 24.05
CA SER A 270 16.94 19.22 22.70
C SER A 270 16.21 17.88 22.79
N LEU A 271 16.65 17.02 23.70
CA LEU A 271 16.03 15.69 23.84
C LEU A 271 15.58 15.48 25.28
N PRO A 272 14.33 15.88 25.58
CA PRO A 272 13.76 15.85 26.94
C PRO A 272 13.79 14.46 27.59
N TYR A 273 13.93 14.42 28.92
CA TYR A 273 14.03 13.16 29.66
C TYR A 273 12.81 12.23 29.59
N ASP A 274 11.69 12.69 29.06
CA ASP A 274 10.52 11.81 28.97
C ASP A 274 10.49 11.00 27.67
N ILE A 275 11.54 11.12 26.84
CA ILE A 275 11.58 10.35 25.59
C ILE A 275 11.68 8.86 25.91
N PRO A 276 10.69 8.07 25.45
CA PRO A 276 10.81 6.64 25.70
C PRO A 276 12.12 6.11 25.15
N HIS A 277 12.78 5.24 25.91
CA HIS A 277 14.04 4.60 25.50
C HIS A 277 15.15 5.60 25.08
N ARG A 278 15.15 6.73 25.77
CA ARG A 278 16.08 7.81 25.49
C ARG A 278 17.52 7.35 25.32
N ALA A 279 18.08 6.72 26.35
CA ALA A 279 19.50 6.32 26.31
C ALA A 279 19.78 5.45 25.11
N ARG A 280 18.89 4.50 24.85
CA ARG A 280 19.08 3.64 23.69
C ARG A 280 19.01 4.40 22.32
N MET A 281 18.11 5.39 22.23
CA MET A 281 17.99 6.19 20.99
C MET A 281 19.22 7.07 20.77
N ILE A 282 19.71 7.68 21.85
CA ILE A 282 20.93 8.49 21.81
C ILE A 282 22.14 7.70 21.32
N SER A 283 22.29 6.45 21.76
CA SER A 283 23.38 5.58 21.28
C SER A 283 23.27 5.27 19.81
N LEU A 284 22.05 5.05 19.36
CA LEU A 284 21.80 4.78 17.95
C LEU A 284 22.12 6.01 17.12
N ILE A 285 21.64 7.17 17.57
CA ILE A 285 21.92 8.42 16.87
C ILE A 285 23.43 8.63 16.81
N GLU A 286 24.09 8.46 17.95
CA GLU A 286 25.53 8.72 17.99
C GLU A 286 26.37 7.78 17.15
N SER A 287 25.95 6.52 17.07
CA SER A 287 26.69 5.58 16.22
C SER A 287 26.38 5.86 14.76
N GLY A 288 25.13 6.22 14.46
CA GLY A 288 24.74 6.52 13.08
C GLY A 288 25.45 7.72 12.46
N TRP A 289 25.63 8.81 13.21
CA TRP A 289 26.37 9.96 12.65
C TRP A 289 27.87 10.02 13.00
N ALA A 290 28.48 8.87 13.33
CA ALA A 290 29.90 8.82 13.69
C ALA A 290 30.80 9.35 12.60
N GLN A 291 31.82 10.07 13.03
CA GLN A 291 32.80 10.69 12.15
C GLN A 291 33.44 9.62 11.22
N ASN A 292 33.92 8.53 11.80
CA ASN A 292 34.49 7.46 10.97
C ASN A 292 33.32 6.68 10.36
N PRO A 293 33.19 6.68 9.03
CA PRO A 293 32.05 5.97 8.44
C PRO A 293 32.06 4.44 8.70
N ASP A 294 33.23 3.87 9.00
CA ASP A 294 33.38 2.44 9.28
C ASP A 294 32.69 2.06 10.58
N GLU A 295 32.46 3.04 11.44
CA GLU A 295 31.84 2.76 12.72
C GLU A 295 30.33 2.98 12.72
N ARG A 296 29.78 3.42 11.59
CA ARG A 296 28.33 3.59 11.48
C ARG A 296 27.72 2.20 11.20
N PRO A 297 26.53 1.92 11.78
CA PRO A 297 25.93 0.60 11.60
C PRO A 297 25.26 0.38 10.24
N SER A 298 25.14 -0.88 9.82
CA SER A 298 24.34 -1.23 8.65
C SER A 298 22.85 -1.01 9.05
N PHE A 299 21.94 -0.96 8.08
CA PHE A 299 20.52 -0.86 8.43
C PHE A 299 19.96 -2.13 9.13
N LEU A 300 20.58 -3.28 8.84
CA LEU A 300 20.25 -4.52 9.52
C LEU A 300 20.43 -4.36 11.03
N LYS A 301 21.63 -3.95 11.43
CA LYS A 301 21.96 -3.76 12.82
C LYS A 301 21.04 -2.71 13.47
N CYS A 302 20.86 -1.59 12.80
CA CYS A 302 19.92 -0.57 13.27
C CYS A 302 18.48 -1.14 13.46
N LEU A 303 18.03 -2.02 12.57
CA LEU A 303 16.68 -2.62 12.74
C LEU A 303 16.62 -3.60 13.89
N ILE A 304 17.71 -4.33 14.09
CA ILE A 304 17.77 -5.30 15.19
C ILE A 304 17.70 -4.56 16.53
N GLU A 305 18.27 -3.35 16.56
CA GLU A 305 18.21 -2.49 17.73
C GLU A 305 16.82 -1.88 17.92
N LEU A 306 16.14 -1.50 16.83
CA LEU A 306 14.81 -0.85 16.95
C LEU A 306 13.67 -1.79 17.28
N GLU A 307 13.72 -3.01 16.74
CA GLU A 307 12.66 -3.98 16.94
C GLU A 307 12.15 -4.10 18.39
N PRO A 308 13.04 -4.31 19.38
CA PRO A 308 12.48 -4.42 20.75
C PRO A 308 11.89 -3.12 21.30
N VAL A 309 12.35 -1.98 20.77
CA VAL A 309 11.82 -0.67 21.14
C VAL A 309 10.36 -0.56 20.65
N LEU A 310 10.12 -0.87 19.37
CA LEU A 310 8.77 -0.86 18.80
C LEU A 310 7.79 -1.84 19.44
N ARG A 311 8.28 -2.97 19.96
CA ARG A 311 7.39 -3.95 20.62
C ARG A 311 6.76 -3.43 21.91
N THR A 312 7.36 -2.40 22.52
CA THR A 312 6.84 -1.84 23.77
C THR A 312 5.61 -0.93 23.60
N PHE A 313 5.21 -0.64 22.35
CA PHE A 313 4.01 0.15 22.10
C PHE A 313 2.85 -0.75 21.67
N GLU A 314 1.74 -0.67 22.40
CA GLU A 314 0.53 -1.40 22.01
C GLU A 314 -0.02 -0.82 20.69
N GLU A 315 -0.49 -1.71 19.82
CA GLU A 315 -0.97 -1.36 18.51
C GLU A 315 -1.96 -0.22 18.52
N ILE A 316 -2.91 -0.25 19.45
CA ILE A 316 -3.95 0.75 19.48
C ILE A 316 -3.39 2.15 19.75
N THR A 317 -2.26 2.25 20.45
CA THR A 317 -1.65 3.56 20.69
C THR A 317 -1.20 4.27 19.40
N PHE A 318 -0.88 3.50 18.34
CA PHE A 318 -0.53 4.09 17.04
C PHE A 318 -1.77 4.76 16.43
N LEU A 319 -2.89 4.05 16.50
CA LEU A 319 -4.16 4.54 15.96
C LEU A 319 -4.61 5.80 16.70
N GLU A 320 -4.48 5.78 18.03
CA GLU A 320 -4.86 6.92 18.85
C GLU A 320 -3.94 8.14 18.63
N ALA A 321 -2.68 7.89 18.31
CA ALA A 321 -1.75 8.98 18.03
C ALA A 321 -2.19 9.70 16.74
N VAL A 322 -2.64 8.91 15.76
CA VAL A 322 -3.09 9.43 14.46
C VAL A 322 -4.41 10.20 14.56
N ILE A 323 -5.38 9.65 15.26
CA ILE A 323 -6.69 10.29 15.34
C ILE A 323 -6.57 11.68 16.00
N GLN A 324 -5.65 11.81 16.94
CA GLN A 324 -5.39 13.07 17.63
C GLN A 324 -4.89 14.17 16.68
N LEU A 325 -4.34 13.80 15.53
CA LEU A 325 -3.84 14.78 14.56
C LEU A 325 -4.91 15.46 13.72
N LYS A 326 -4.58 16.65 13.24
CA LYS A 326 -5.45 17.48 12.37
C LYS A 326 -5.61 16.90 10.94
N GLU B 20 12.01 1.02 -25.27
CA GLU B 20 10.89 1.95 -24.93
C GLU B 20 10.26 1.64 -23.57
N ALA B 21 10.01 0.37 -23.29
CA ALA B 21 9.36 -0.10 -22.06
C ALA B 21 10.28 -0.20 -20.84
N ILE B 22 9.78 0.25 -19.69
CA ILE B 22 10.51 0.20 -18.43
C ILE B 22 10.06 -1.05 -17.63
N CYS B 23 10.98 -1.99 -17.40
CA CYS B 23 10.60 -3.23 -16.68
C CYS B 23 11.08 -3.44 -15.23
N SER B 24 10.19 -4.02 -14.43
CA SER B 24 10.45 -4.34 -13.04
C SER B 24 10.37 -5.85 -12.90
N ALA B 25 11.41 -6.44 -12.32
CA ALA B 25 11.46 -7.88 -12.17
C ALA B 25 11.02 -8.28 -10.77
N LEU B 26 10.29 -9.37 -10.66
CA LEU B 26 9.84 -9.86 -9.36
C LEU B 26 10.98 -10.60 -8.66
N PRO B 27 11.33 -10.19 -7.43
CA PRO B 27 12.42 -10.87 -6.73
C PRO B 27 12.13 -12.34 -6.47
N THR B 28 13.19 -13.13 -6.43
CA THR B 28 13.09 -14.54 -6.04
C THR B 28 13.56 -14.57 -4.62
N ILE B 29 12.80 -15.24 -3.76
CA ILE B 29 13.11 -15.27 -2.35
C ILE B 29 13.51 -16.68 -1.96
N PRO B 30 14.74 -16.86 -1.44
CA PRO B 30 15.14 -18.20 -1.00
C PRO B 30 14.29 -18.66 0.17
N TYR B 31 13.80 -19.89 0.12
CA TYR B 31 12.99 -20.45 1.19
C TYR B 31 13.58 -20.23 2.58
N HIS B 32 14.89 -20.40 2.69
CA HIS B 32 15.53 -20.29 3.99
C HIS B 32 15.52 -18.84 4.55
N LYS B 33 15.16 -17.84 3.73
CA LYS B 33 15.04 -16.47 4.22
C LYS B 33 13.72 -16.19 4.97
N LEU B 34 12.79 -17.14 4.90
CA LEU B 34 11.49 -17.06 5.54
C LEU B 34 11.57 -17.67 6.93
N ALA B 35 11.75 -16.84 7.92
CA ALA B 35 11.84 -17.29 9.28
C ALA B 35 10.48 -17.34 9.91
N ASP B 36 10.40 -18.15 10.95
CA ASP B 36 9.21 -18.28 11.77
C ASP B 36 7.94 -18.71 11.01
N LEU B 37 8.08 -19.62 10.02
CA LEU B 37 6.91 -20.14 9.26
C LEU B 37 5.83 -20.74 10.15
N ARG B 38 4.61 -20.23 10.02
CA ARG B 38 3.48 -20.71 10.80
C ARG B 38 2.28 -20.87 9.90
N TYR B 39 1.60 -22.00 10.05
CA TYR B 39 0.34 -22.31 9.35
C TYR B 39 -0.79 -21.35 9.74
N LEU B 40 -1.61 -20.96 8.76
CA LEU B 40 -2.83 -20.16 9.02
C LEU B 40 -4.08 -20.82 8.42
N SER B 41 -4.10 -21.00 7.10
CA SER B 41 -5.21 -21.64 6.37
C SER B 41 -4.83 -22.98 5.73
N ARG B 42 -5.83 -23.81 5.42
CA ARG B 42 -5.60 -25.12 4.78
C ARG B 42 -6.30 -25.24 3.43
N GLY B 46 -4.23 -24.88 -1.70
CA GLY B 46 -3.33 -23.78 -1.31
C GLY B 46 -3.32 -23.50 0.17
N THR B 47 -2.16 -23.71 0.79
CA THR B 47 -1.95 -23.45 2.23
C THR B 47 -1.36 -22.04 2.45
N VAL B 48 -1.95 -21.29 3.39
CA VAL B 48 -1.45 -19.95 3.72
C VAL B 48 -0.66 -19.94 5.03
N SER B 49 0.57 -19.42 4.99
CA SER B 49 1.39 -19.33 6.21
C SER B 49 1.86 -17.91 6.46
N SER B 50 2.18 -17.61 7.71
CA SER B 50 2.79 -16.31 8.01
C SER B 50 4.28 -16.56 8.19
N ALA B 51 5.08 -15.50 8.10
CA ALA B 51 6.53 -15.58 8.26
C ALA B 51 7.11 -14.19 8.37
N ARG B 52 8.39 -14.12 8.71
CA ARG B 52 9.11 -12.85 8.65
C ARG B 52 10.29 -13.05 7.71
N HIS B 53 10.60 -12.04 6.90
CA HIS B 53 11.71 -12.15 5.97
C HIS B 53 12.99 -11.77 6.75
N ALA B 54 13.94 -12.70 6.82
CA ALA B 54 15.20 -12.55 7.60
C ALA B 54 16.03 -11.29 7.29
N ASP B 55 16.00 -10.87 6.02
CA ASP B 55 16.72 -9.70 5.57
C ASP B 55 15.89 -8.41 5.54
N TRP B 56 14.61 -8.50 5.17
CA TRP B 56 13.78 -7.28 5.02
C TRP B 56 13.16 -6.84 6.35
N ARG B 57 13.07 -7.77 7.29
CA ARG B 57 12.56 -7.51 8.63
C ARG B 57 11.10 -7.07 8.64
N VAL B 58 10.29 -7.69 7.78
CA VAL B 58 8.84 -7.42 7.75
C VAL B 58 8.14 -8.77 7.81
N GLN B 59 6.89 -8.74 8.29
CA GLN B 59 6.07 -9.95 8.27
C GLN B 59 5.58 -10.12 6.84
N VAL B 60 5.38 -11.37 6.42
CA VAL B 60 4.87 -11.64 5.08
C VAL B 60 3.85 -12.79 5.16
N ALA B 61 3.15 -13.01 4.05
CA ALA B 61 2.20 -14.11 3.96
C ALA B 61 2.74 -14.97 2.83
N VAL B 62 2.68 -16.29 3.01
CA VAL B 62 3.19 -17.22 1.99
C VAL B 62 2.09 -18.18 1.59
N LYS B 63 1.80 -18.21 0.29
CA LYS B 63 0.78 -19.08 -0.26
C LYS B 63 1.51 -20.18 -1.03
N HIS B 64 1.35 -21.43 -0.60
CA HIS B 64 2.09 -22.56 -1.20
C HIS B 64 1.30 -23.86 -1.25
N LEU B 65 1.87 -24.84 -1.95
CA LEU B 65 1.29 -26.18 -2.05
C LEU B 65 1.49 -26.94 -0.75
N HIS B 66 0.69 -27.98 -0.55
CA HIS B 66 0.69 -28.81 0.68
C HIS B 66 2.07 -29.28 1.16
N ASP B 73 5.02 -30.72 -11.11
CA ASP B 73 5.58 -29.78 -12.10
C ASP B 73 4.52 -29.08 -12.97
N SER B 74 3.25 -29.50 -12.81
CA SER B 74 2.14 -28.88 -13.54
C SER B 74 1.30 -27.94 -12.65
N GLU B 75 1.18 -28.29 -11.37
CA GLU B 75 0.51 -27.43 -10.38
C GLU B 75 1.44 -26.24 -10.10
N ARG B 76 2.68 -26.36 -10.59
CA ARG B 76 3.72 -25.35 -10.50
C ARG B 76 3.46 -24.18 -11.45
N LYS B 77 3.05 -24.49 -12.68
CA LYS B 77 2.79 -23.45 -13.68
C LYS B 77 1.59 -22.58 -13.30
N ASP B 78 0.67 -23.12 -12.51
CA ASP B 78 -0.47 -22.35 -12.00
C ASP B 78 0.00 -21.25 -11.06
N VAL B 79 0.92 -21.59 -10.16
CA VAL B 79 1.46 -20.65 -9.21
C VAL B 79 2.20 -19.54 -9.96
N LEU B 80 3.05 -19.92 -10.91
CA LEU B 80 3.82 -18.94 -11.69
C LEU B 80 2.91 -17.99 -12.49
N ARG B 81 1.77 -18.51 -12.90
CA ARG B 81 0.80 -17.72 -13.65
C ARG B 81 0.22 -16.63 -12.74
N GLU B 82 -0.27 -17.04 -11.56
CA GLU B 82 -0.85 -16.13 -10.59
C GLU B 82 0.16 -15.08 -10.14
N ALA B 83 1.39 -15.52 -9.87
CA ALA B 83 2.45 -14.62 -9.44
C ALA B 83 2.65 -13.53 -10.46
N GLU B 84 2.68 -13.92 -11.74
CA GLU B 84 2.87 -12.98 -12.84
C GLU B 84 1.73 -11.97 -12.97
N ILE B 85 0.50 -12.45 -12.76
CA ILE B 85 -0.68 -11.58 -12.80
C ILE B 85 -0.62 -10.56 -11.64
N LEU B 86 -0.34 -11.03 -10.42
CA LEU B 86 -0.21 -10.11 -9.28
C LEU B 86 0.87 -9.06 -9.50
N HIS B 87 1.97 -9.48 -10.11
CA HIS B 87 3.07 -8.61 -10.42
C HIS B 87 2.70 -7.57 -11.47
N LYS B 88 1.90 -7.97 -12.45
CA LYS B 88 1.51 -7.02 -13.52
C LYS B 88 0.33 -6.11 -13.11
N ALA B 89 -0.52 -6.62 -12.24
CA ALA B 89 -1.69 -5.88 -11.79
C ALA B 89 -1.50 -4.98 -10.57
N ARG B 90 -0.24 -4.66 -10.22
CA ARG B 90 0.05 -3.78 -9.06
C ARG B 90 -0.76 -2.52 -9.09
N PHE B 91 -1.41 -2.23 -7.96
CA PHE B 91 -2.22 -1.03 -7.82
C PHE B 91 -2.58 -0.89 -6.33
N SER B 92 -3.01 0.31 -5.94
CA SER B 92 -3.30 0.67 -4.54
C SER B 92 -4.26 -0.25 -3.80
N TYR B 93 -5.14 -0.93 -4.53
CA TYR B 93 -6.17 -1.80 -3.91
C TYR B 93 -6.07 -3.26 -4.30
N ILE B 94 -4.90 -3.65 -4.81
CA ILE B 94 -4.60 -5.01 -5.19
C ILE B 94 -3.50 -5.52 -4.27
N LEU B 95 -3.63 -6.74 -3.76
CA LEU B 95 -2.64 -7.32 -2.88
C LEU B 95 -1.20 -7.29 -3.46
N PRO B 96 -0.28 -6.60 -2.77
CA PRO B 96 1.12 -6.57 -3.28
C PRO B 96 1.84 -7.90 -3.14
N ILE B 97 2.50 -8.29 -4.22
CA ILE B 97 3.35 -9.48 -4.21
C ILE B 97 4.78 -8.99 -3.94
N LEU B 98 5.46 -9.63 -3.00
CA LEU B 98 6.82 -9.24 -2.64
C LEU B 98 7.85 -10.11 -3.35
N GLY B 99 7.43 -11.29 -3.76
CA GLY B 99 8.32 -12.18 -4.46
C GLY B 99 7.77 -13.56 -4.66
N ILE B 100 8.58 -14.37 -5.32
CA ILE B 100 8.26 -15.75 -5.63
C ILE B 100 9.30 -16.64 -4.96
N CYS B 101 8.84 -17.72 -4.38
CA CYS B 101 9.69 -18.66 -3.72
C CYS B 101 9.60 -19.88 -4.65
N ASN B 102 10.65 -20.11 -5.43
CA ASN B 102 10.65 -21.15 -6.47
C ASN B 102 11.87 -22.08 -6.40
N GLU B 103 11.70 -23.20 -5.70
CA GLU B 103 12.77 -24.16 -5.49
C GLU B 103 12.30 -25.60 -5.60
N PRO B 104 13.23 -26.54 -5.82
CA PRO B 104 12.87 -27.97 -5.91
C PRO B 104 12.07 -28.46 -4.70
N GLU B 105 12.44 -28.02 -3.51
CA GLU B 105 11.80 -28.47 -2.29
C GLU B 105 10.54 -27.64 -1.90
N PHE B 106 10.37 -26.47 -2.52
CA PHE B 106 9.27 -25.55 -2.15
C PHE B 106 8.89 -24.56 -3.25
N LEU B 107 7.58 -24.34 -3.40
CA LEU B 107 7.07 -23.34 -4.35
C LEU B 107 5.97 -22.53 -3.68
N GLY B 108 6.08 -21.20 -3.76
CA GLY B 108 5.09 -20.33 -3.14
C GLY B 108 5.14 -18.86 -3.53
N ILE B 109 4.04 -18.17 -3.25
CA ILE B 109 3.90 -16.75 -3.54
C ILE B 109 4.01 -16.00 -2.22
N VAL B 110 4.83 -14.96 -2.20
CA VAL B 110 5.04 -14.16 -0.99
C VAL B 110 4.36 -12.78 -1.19
N THR B 111 3.44 -12.45 -0.29
CA THR B 111 2.69 -11.20 -0.39
C THR B 111 2.74 -10.41 0.91
N GLU B 112 2.30 -9.15 0.88
CA GLU B 112 2.22 -8.38 2.14
C GLU B 112 1.28 -9.09 3.08
N TYR B 113 1.65 -9.11 4.34
CA TYR B 113 0.83 -9.67 5.37
C TYR B 113 -0.36 -8.71 5.67
N MET B 114 -1.56 -9.24 5.78
CA MET B 114 -2.76 -8.44 6.01
C MET B 114 -3.22 -8.75 7.43
N PRO B 115 -2.92 -7.84 8.37
CA PRO B 115 -3.20 -8.17 9.77
C PRO B 115 -4.69 -8.26 10.11
N ASN B 116 -5.56 -7.64 9.32
CA ASN B 116 -6.97 -7.69 9.64
C ASN B 116 -7.83 -8.70 8.90
N GLY B 117 -7.21 -9.75 8.38
CA GLY B 117 -7.95 -10.81 7.71
C GLY B 117 -8.78 -10.44 6.49
N SER B 118 -9.95 -11.07 6.37
CA SER B 118 -10.80 -10.86 5.21
C SER B 118 -12.10 -10.14 5.55
N LEU B 119 -12.70 -9.54 4.53
CA LEU B 119 -14.00 -8.91 4.64
C LEU B 119 -15.04 -9.91 5.17
N ASN B 120 -14.92 -11.17 4.75
CA ASN B 120 -15.79 -12.24 5.23
C ASN B 120 -15.80 -12.36 6.76
N GLU B 121 -14.62 -12.35 7.37
CA GLU B 121 -14.52 -12.44 8.82
C GLU B 121 -15.06 -11.18 9.50
N LEU B 122 -14.84 -10.01 8.91
CA LEU B 122 -15.38 -8.78 9.49
C LEU B 122 -16.92 -8.77 9.48
N LEU B 123 -17.53 -9.22 8.37
CA LEU B 123 -18.98 -9.23 8.26
C LEU B 123 -19.66 -10.29 9.13
N HIS B 124 -19.05 -11.47 9.27
CA HIS B 124 -19.75 -12.59 9.93
C HIS B 124 -19.30 -12.99 11.33
N ARG B 125 -18.27 -12.36 11.87
CA ARG B 125 -17.87 -12.62 13.25
C ARG B 125 -18.55 -11.52 14.06
N LYS B 126 -19.83 -11.74 14.36
CA LYS B 126 -20.65 -10.72 15.02
C LYS B 126 -20.35 -10.51 16.49
N THR B 127 -19.74 -11.51 17.12
CA THR B 127 -19.37 -11.38 18.51
C THR B 127 -18.10 -10.54 18.58
N GLU B 128 -17.12 -10.84 17.75
CA GLU B 128 -15.88 -10.07 17.70
C GLU B 128 -16.12 -8.62 17.23
N TYR B 129 -17.03 -8.46 16.26
CA TYR B 129 -17.34 -7.14 15.71
C TYR B 129 -18.84 -6.83 15.73
N PRO B 130 -19.38 -6.45 16.90
CA PRO B 130 -20.82 -6.16 16.96
C PRO B 130 -21.25 -4.99 16.07
N ASP B 131 -20.34 -4.03 15.86
CA ASP B 131 -20.66 -2.89 14.99
C ASP B 131 -19.59 -2.73 13.93
N VAL B 132 -20.03 -2.40 12.70
CA VAL B 132 -19.11 -2.09 11.64
C VAL B 132 -19.70 -0.83 11.02
N ALA B 133 -19.14 0.32 11.37
CA ALA B 133 -19.70 1.59 10.94
C ALA B 133 -19.90 1.77 9.45
N TRP B 134 -21.05 2.36 9.14
CA TRP B 134 -21.44 2.62 7.76
C TRP B 134 -20.35 3.27 6.92
N PRO B 135 -19.65 4.30 7.46
CA PRO B 135 -18.63 4.90 6.60
C PRO B 135 -17.51 3.90 6.21
N LEU B 136 -17.14 3.00 7.11
CA LEU B 136 -16.14 1.99 6.80
C LEU B 136 -16.67 1.01 5.73
N ARG B 137 -17.90 0.51 5.91
CA ARG B 137 -18.49 -0.40 4.90
C ARG B 137 -18.49 0.25 3.51
N PHE B 138 -18.91 1.51 3.46
CA PHE B 138 -18.90 2.23 2.18
C PHE B 138 -17.52 2.44 1.60
N ARG B 139 -16.51 2.70 2.45
CA ARG B 139 -15.14 2.87 1.95
C ARG B 139 -14.65 1.53 1.36
N ILE B 140 -14.97 0.43 2.04
CA ILE B 140 -14.62 -0.89 1.55
C ILE B 140 -15.23 -1.14 0.15
N LEU B 141 -16.55 -0.89 0.01
CA LEU B 141 -17.23 -1.06 -1.29
C LEU B 141 -16.62 -0.16 -2.31
N HIS B 142 -16.30 1.07 -1.91
CA HIS B 142 -15.67 2.01 -2.83
C HIS B 142 -14.28 1.49 -3.27
N GLU B 143 -13.49 1.00 -2.32
CA GLU B 143 -12.15 0.52 -2.68
C GLU B 143 -12.14 -0.74 -3.53
N ILE B 144 -13.08 -1.67 -3.27
CA ILE B 144 -13.22 -2.87 -4.13
C ILE B 144 -13.45 -2.45 -5.58
N ALA B 145 -14.46 -1.59 -5.77
CA ALA B 145 -14.80 -1.03 -7.09
C ALA B 145 -13.62 -0.35 -7.77
N LEU B 146 -12.85 0.46 -7.03
CA LEU B 146 -11.64 1.08 -7.59
C LEU B 146 -10.66 -0.01 -8.06
N GLY B 147 -10.49 -1.04 -7.24
CA GLY B 147 -9.60 -2.13 -7.57
C GLY B 147 -10.01 -2.87 -8.83
N VAL B 148 -11.27 -3.34 -8.88
CA VAL B 148 -11.74 -4.08 -10.04
C VAL B 148 -11.72 -3.18 -11.30
N ASN B 149 -12.10 -1.91 -11.12
CA ASN B 149 -12.08 -0.95 -12.21
C ASN B 149 -10.71 -0.88 -12.84
N TYR B 150 -9.69 -0.78 -12.00
CA TYR B 150 -8.33 -0.68 -12.49
C TYR B 150 -7.98 -1.89 -13.34
N LEU B 151 -8.36 -3.09 -12.87
CA LEU B 151 -8.09 -4.32 -13.59
C LEU B 151 -8.77 -4.27 -14.97
N HIS B 152 -10.04 -3.89 -14.98
CA HIS B 152 -10.84 -3.81 -16.21
C HIS B 152 -10.26 -2.83 -17.22
N ASN B 153 -9.56 -1.81 -16.74
CA ASN B 153 -8.93 -0.81 -17.61
C ASN B 153 -7.51 -1.11 -18.05
N MET B 154 -7.00 -2.31 -17.78
CA MET B 154 -5.65 -2.65 -18.25
C MET B 154 -5.69 -2.99 -19.75
N THR B 155 -4.51 -3.05 -20.37
CA THR B 155 -4.42 -3.40 -21.78
C THR B 155 -3.52 -4.63 -21.91
N PRO B 156 -4.13 -5.81 -22.11
CA PRO B 156 -5.56 -6.08 -22.20
C PRO B 156 -6.23 -6.21 -20.83
N PRO B 157 -7.55 -5.94 -20.74
CA PRO B 157 -8.27 -6.00 -19.48
C PRO B 157 -8.06 -7.30 -18.72
N LEU B 158 -7.94 -7.21 -17.40
CA LEU B 158 -7.84 -8.39 -16.56
C LEU B 158 -9.18 -8.58 -15.88
N LEU B 159 -9.65 -9.81 -15.87
CA LEU B 159 -10.93 -10.16 -15.30
C LEU B 159 -10.64 -11.08 -14.14
N HIS B 160 -11.19 -10.74 -12.98
CA HIS B 160 -10.87 -11.49 -11.80
C HIS B 160 -11.55 -12.84 -11.80
N HIS B 161 -12.87 -12.82 -11.99
CA HIS B 161 -13.68 -14.04 -12.09
C HIS B 161 -13.76 -14.90 -10.86
N ASP B 162 -13.23 -14.46 -9.73
CA ASP B 162 -13.44 -15.21 -8.49
C ASP B 162 -13.62 -14.32 -7.26
N LEU B 163 -14.22 -13.14 -7.45
CA LEU B 163 -14.47 -12.23 -6.33
C LEU B 163 -15.42 -12.82 -5.30
N LYS B 164 -15.11 -12.59 -4.03
CA LYS B 164 -15.93 -12.99 -2.89
C LYS B 164 -15.44 -12.27 -1.62
N THR B 165 -16.21 -12.31 -0.54
CA THR B 165 -15.80 -11.57 0.66
C THR B 165 -14.52 -12.16 1.25
N GLN B 166 -14.34 -13.47 1.02
N GLN B 166 -14.32 -13.46 1.04
CA GLN B 166 -13.19 -14.24 1.45
CA GLN B 166 -13.13 -14.17 1.52
C GLN B 166 -11.87 -13.77 0.79
C GLN B 166 -11.84 -13.73 0.80
N ASN B 167 -11.98 -13.13 -0.38
CA ASN B 167 -10.84 -12.67 -1.20
C ASN B 167 -10.58 -11.18 -1.16
N ILE B 168 -11.31 -10.47 -0.29
CA ILE B 168 -11.10 -9.04 -0.09
C ILE B 168 -10.35 -8.99 1.23
N LEU B 169 -9.07 -8.68 1.16
CA LEU B 169 -8.26 -8.63 2.38
C LEU B 169 -8.18 -7.21 2.91
N LEU B 170 -8.00 -7.11 4.22
CA LEU B 170 -7.98 -5.83 4.92
C LEU B 170 -6.64 -5.57 5.60
N ASP B 171 -6.07 -4.38 5.42
CA ASP B 171 -4.78 -4.07 6.04
C ASP B 171 -4.95 -3.47 7.44
N ASN B 172 -3.85 -3.00 8.05
CA ASN B 172 -3.89 -2.42 9.40
C ASN B 172 -4.95 -1.35 9.61
N GLU B 173 -5.25 -0.56 8.59
CA GLU B 173 -6.30 0.45 8.77
C GLU B 173 -7.59 0.09 8.03
N PHE B 174 -7.77 -1.20 7.73
CA PHE B 174 -8.98 -1.66 7.05
C PHE B 174 -9.18 -1.12 5.62
N HIS B 175 -8.06 -0.88 4.94
CA HIS B 175 -8.11 -0.54 3.53
C HIS B 175 -8.08 -1.87 2.78
N VAL B 176 -8.71 -1.89 1.60
CA VAL B 176 -8.92 -3.07 0.78
C VAL B 176 -7.71 -3.50 -0.02
N LYS B 177 -7.47 -4.82 -0.05
CA LYS B 177 -6.50 -5.42 -0.98
C LYS B 177 -7.19 -6.65 -1.62
N ILE B 178 -7.40 -6.59 -2.93
CA ILE B 178 -8.01 -7.71 -3.65
C ILE B 178 -6.99 -8.83 -3.89
N ALA B 179 -7.38 -10.03 -3.50
CA ALA B 179 -6.50 -11.19 -3.57
C ALA B 179 -7.10 -12.30 -4.43
N ASP B 180 -6.30 -13.37 -4.57
CA ASP B 180 -6.68 -14.63 -5.22
C ASP B 180 -7.05 -14.51 -6.70
N PHE B 181 -6.01 -14.46 -7.52
CA PHE B 181 -6.13 -14.31 -8.94
C PHE B 181 -6.03 -15.66 -9.66
N GLY B 182 -6.28 -16.73 -8.92
CA GLY B 182 -6.24 -18.10 -9.43
C GLY B 182 -7.11 -18.41 -10.65
N LEU B 183 -8.29 -17.77 -10.73
CA LEU B 183 -9.18 -18.00 -11.88
C LEU B 183 -9.21 -16.82 -12.83
N SER B 184 -8.34 -15.85 -12.61
CA SER B 184 -8.34 -14.62 -13.41
C SER B 184 -7.84 -14.84 -14.84
N LYS B 185 -8.38 -14.05 -15.76
CA LYS B 185 -8.04 -14.18 -17.19
C LYS B 185 -7.82 -12.83 -17.83
N TRP B 186 -6.85 -12.78 -18.73
CA TRP B 186 -6.60 -11.62 -19.57
C TRP B 186 -7.61 -11.71 -20.71
N ARG B 187 -8.40 -10.66 -20.94
CA ARG B 187 -9.36 -10.74 -22.05
C ARG B 187 -8.69 -10.54 -23.41
N MET B 188 -8.45 -11.66 -24.10
CA MET B 188 -7.81 -11.69 -25.41
C MET B 188 -8.65 -12.46 -26.43
N ALA B 200 -7.81 -30.39 -11.85
CA ALA B 200 -9.04 -30.87 -11.22
C ALA B 200 -9.86 -29.72 -10.59
N PRO B 201 -11.20 -29.81 -10.63
CA PRO B 201 -12.01 -28.72 -10.04
C PRO B 201 -11.88 -28.63 -8.51
N GLU B 202 -11.68 -27.41 -8.00
CA GLU B 202 -11.57 -27.19 -6.56
C GLU B 202 -12.94 -26.77 -6.02
N GLY B 203 -13.38 -27.40 -4.94
CA GLY B 203 -14.64 -27.07 -4.27
C GLY B 203 -14.67 -25.65 -3.73
N GLY B 204 -15.74 -24.91 -4.05
CA GLY B 204 -15.90 -23.53 -3.60
C GLY B 204 -17.36 -23.08 -3.67
N THR B 205 -17.67 -21.97 -3.01
CA THR B 205 -19.04 -21.43 -3.03
C THR B 205 -19.39 -20.93 -4.44
N ILE B 206 -20.66 -21.00 -4.81
CA ILE B 206 -21.10 -20.53 -6.13
C ILE B 206 -21.93 -19.26 -6.03
N ILE B 207 -22.19 -18.82 -4.79
CA ILE B 207 -23.05 -17.65 -4.54
C ILE B 207 -22.68 -16.36 -5.27
N TYR B 208 -21.42 -16.19 -5.65
CA TYR B 208 -21.01 -14.95 -6.29
C TYR B 208 -20.94 -15.13 -7.80
N MET B 209 -21.31 -16.33 -8.27
CA MET B 209 -21.21 -16.66 -9.70
C MET B 209 -22.50 -16.35 -10.48
N PRO B 210 -22.38 -15.60 -11.58
CA PRO B 210 -23.55 -15.30 -12.39
C PRO B 210 -24.13 -16.58 -13.05
N PRO B 211 -25.48 -16.70 -13.13
CA PRO B 211 -26.15 -17.92 -13.63
C PRO B 211 -25.65 -18.41 -14.99
N GLU B 212 -25.32 -17.50 -15.90
CA GLU B 212 -24.82 -17.90 -17.20
C GLU B 212 -23.43 -18.56 -17.23
N ASN B 213 -22.78 -18.66 -16.07
N ASN B 213 -22.78 -18.64 -16.07
CA ASN B 213 -21.43 -19.24 -15.96
CA ASN B 213 -21.45 -19.26 -15.99
C ASN B 213 -21.50 -20.66 -15.42
C ASN B 213 -21.50 -20.63 -15.36
N TYR B 214 -22.71 -21.11 -15.09
CA TYR B 214 -22.94 -22.44 -14.53
C TYR B 214 -22.51 -23.62 -15.41
N GLU B 215 -22.59 -23.40 -16.73
CA GLU B 215 -22.15 -24.35 -17.74
C GLU B 215 -21.34 -23.42 -18.65
N PRO B 216 -20.02 -23.27 -18.37
CA PRO B 216 -19.15 -22.29 -19.08
C PRO B 216 -19.03 -22.50 -20.58
N GLY B 217 -19.01 -21.38 -21.32
CA GLY B 217 -18.88 -21.39 -22.76
C GLY B 217 -17.62 -20.66 -23.21
N GLN B 218 -17.60 -20.25 -24.48
CA GLN B 218 -16.47 -19.52 -25.05
C GLN B 218 -16.58 -18.02 -24.75
N LYS B 219 -17.81 -17.53 -24.60
CA LYS B 219 -18.07 -16.11 -24.34
C LYS B 219 -17.72 -15.65 -22.91
N SER B 220 -17.62 -16.62 -21.98
CA SER B 220 -17.27 -16.34 -20.57
C SER B 220 -15.88 -16.88 -20.21
N SER B 223 -16.23 -13.09 -20.69
CA SER B 223 -17.30 -12.14 -20.43
C SER B 223 -16.85 -11.06 -19.47
N ILE B 224 -17.03 -9.81 -19.87
CA ILE B 224 -16.67 -8.66 -19.04
C ILE B 224 -17.67 -8.40 -17.90
N LYS B 225 -18.78 -9.13 -17.89
CA LYS B 225 -19.85 -8.87 -16.93
C LYS B 225 -19.98 -9.86 -15.77
N HIS B 226 -18.96 -10.69 -15.55
CA HIS B 226 -18.94 -11.64 -14.44
C HIS B 226 -18.67 -10.86 -13.11
N ASP B 227 -17.61 -10.05 -13.12
CA ASP B 227 -17.17 -9.35 -11.89
C ASP B 227 -18.28 -8.49 -11.25
N ILE B 228 -18.97 -7.71 -12.09
CA ILE B 228 -20.06 -6.87 -11.57
C ILE B 228 -21.14 -7.68 -10.84
N TYR B 229 -21.47 -8.87 -11.35
CA TYR B 229 -22.45 -9.73 -10.66
C TYR B 229 -21.93 -10.03 -9.24
N SER B 230 -20.67 -10.48 -9.14
CA SER B 230 -20.03 -10.81 -7.85
C SER B 230 -20.03 -9.63 -6.87
N TYR B 231 -19.67 -8.47 -7.41
CA TYR B 231 -19.66 -7.22 -6.65
C TYR B 231 -21.04 -6.92 -6.07
N ALA B 232 -22.07 -7.12 -6.89
CA ALA B 232 -23.44 -6.91 -6.45
C ALA B 232 -23.79 -7.77 -5.25
N VAL B 233 -23.39 -9.04 -5.28
CA VAL B 233 -23.65 -9.95 -4.14
C VAL B 233 -22.82 -9.51 -2.92
N ILE B 234 -21.57 -9.11 -3.18
CA ILE B 234 -20.69 -8.60 -2.12
C ILE B 234 -21.34 -7.38 -1.48
N THR B 235 -21.82 -6.43 -2.31
CA THR B 235 -22.48 -5.21 -1.80
C THR B 235 -23.65 -5.57 -0.87
N TRP B 236 -24.48 -6.51 -1.30
CA TRP B 236 -25.63 -6.97 -0.51
C TRP B 236 -25.19 -7.56 0.81
N GLU B 237 -24.10 -8.31 0.76
CA GLU B 237 -23.58 -9.00 1.94
C GLU B 237 -22.96 -7.99 2.90
N VAL B 238 -22.34 -6.94 2.37
CA VAL B 238 -21.74 -5.89 3.20
C VAL B 238 -22.82 -5.07 3.93
N LEU B 239 -23.84 -4.66 3.19
CA LEU B 239 -24.93 -3.87 3.76
C LEU B 239 -25.83 -4.66 4.70
N SER B 240 -25.83 -5.98 4.58
CA SER B 240 -26.74 -6.78 5.40
C SER B 240 -26.06 -7.54 6.50
N ARG B 241 -24.77 -7.82 6.32
CA ARG B 241 -24.03 -8.70 7.24
C ARG B 241 -24.75 -10.07 7.28
N LYS B 242 -25.34 -10.43 6.16
CA LYS B 242 -26.03 -11.72 6.08
C LYS B 242 -25.39 -12.64 5.06
N GLN B 243 -25.47 -13.94 5.35
CA GLN B 243 -25.00 -14.96 4.45
C GLN B 243 -26.01 -15.02 3.27
N PRO B 244 -25.56 -14.86 2.02
CA PRO B 244 -26.55 -14.94 0.93
C PRO B 244 -27.20 -16.31 0.82
N PHE B 245 -28.51 -16.34 0.55
CA PHE B 245 -29.30 -17.58 0.48
C PHE B 245 -29.13 -18.38 1.77
N GLU B 246 -29.21 -17.65 2.88
CA GLU B 246 -29.08 -18.21 4.23
C GLU B 246 -30.01 -19.39 4.47
N ASP B 247 -31.26 -19.24 4.02
CA ASP B 247 -32.33 -20.22 4.22
C ASP B 247 -32.11 -21.55 3.51
N VAL B 248 -31.56 -21.47 2.30
CA VAL B 248 -31.30 -22.64 1.46
C VAL B 248 -30.05 -23.39 1.96
N THR B 249 -30.22 -24.66 2.35
CA THR B 249 -29.11 -25.47 2.90
C THR B 249 -28.26 -26.18 1.85
N ASN B 250 -28.85 -26.42 0.68
CA ASN B 250 -28.21 -27.12 -0.42
C ASN B 250 -27.72 -26.19 -1.53
N PRO B 251 -26.39 -26.18 -1.78
CA PRO B 251 -25.79 -25.34 -2.80
C PRO B 251 -26.38 -25.51 -4.21
N LEU B 252 -26.87 -26.71 -4.51
CA LEU B 252 -27.39 -26.97 -5.85
C LEU B 252 -28.75 -26.32 -6.03
N GLN B 253 -29.52 -26.27 -4.95
CA GLN B 253 -30.81 -25.60 -4.93
C GLN B 253 -30.62 -24.11 -5.24
N ILE B 254 -29.56 -23.51 -4.69
CA ILE B 254 -29.24 -22.09 -4.96
C ILE B 254 -29.08 -21.89 -6.46
N MET B 255 -28.29 -22.74 -7.08
CA MET B 255 -28.08 -22.64 -8.53
C MET B 255 -29.41 -22.69 -9.33
N TYR B 256 -30.34 -23.53 -8.88
CA TYR B 256 -31.66 -23.59 -9.55
C TYR B 256 -32.39 -22.28 -9.39
N SER B 257 -32.56 -21.85 -8.14
CA SER B 257 -33.20 -20.58 -7.81
C SER B 257 -32.62 -19.43 -8.61
N VAL B 258 -31.29 -19.30 -8.60
CA VAL B 258 -30.62 -18.21 -9.30
C VAL B 258 -30.87 -18.22 -10.81
N SER B 259 -30.87 -19.41 -11.42
CA SER B 259 -31.14 -19.50 -12.87
C SER B 259 -32.61 -19.13 -13.14
N GLN B 260 -33.48 -19.56 -12.21
CA GLN B 260 -34.91 -19.20 -12.22
C GLN B 260 -35.15 -17.74 -11.73
N GLY B 261 -34.07 -16.99 -11.53
CA GLY B 261 -34.17 -15.57 -11.17
C GLY B 261 -34.15 -15.12 -9.71
N HIS B 262 -34.26 -16.05 -8.77
CA HIS B 262 -34.15 -15.72 -7.36
C HIS B 262 -32.78 -15.07 -7.05
N ARG B 263 -32.79 -14.05 -6.19
CA ARG B 263 -31.59 -13.34 -5.74
C ARG B 263 -31.62 -13.28 -4.22
N PRO B 264 -30.53 -12.85 -3.56
CA PRO B 264 -30.64 -12.73 -2.09
C PRO B 264 -31.74 -11.74 -1.72
N VAL B 265 -32.49 -12.08 -0.67
CA VAL B 265 -33.67 -11.31 -0.28
C VAL B 265 -33.43 -9.82 0.01
N ILE B 266 -34.09 -8.96 -0.76
CA ILE B 266 -34.06 -7.51 -0.53
C ILE B 266 -35.36 -7.05 0.15
N ASN B 267 -35.38 -7.07 1.49
CA ASN B 267 -36.53 -6.59 2.24
C ASN B 267 -36.07 -5.68 3.40
N GLU B 268 -36.89 -5.54 4.45
CA GLU B 268 -36.54 -4.73 5.61
C GLU B 268 -35.61 -5.48 6.57
N GLU B 269 -35.90 -6.77 6.76
CA GLU B 269 -35.13 -7.63 7.69
C GLU B 269 -33.66 -7.83 7.25
N SER B 270 -33.38 -7.65 5.96
CA SER B 270 -32.04 -7.86 5.44
C SER B 270 -31.33 -6.53 5.20
N LEU B 271 -32.07 -5.57 4.65
CA LEU B 271 -31.59 -4.22 4.43
C LEU B 271 -32.53 -3.21 5.12
N PRO B 272 -32.29 -2.95 6.44
CA PRO B 272 -33.11 -1.99 7.24
C PRO B 272 -33.26 -0.60 6.59
N TYR B 273 -34.32 0.12 6.97
CA TYR B 273 -34.60 1.44 6.38
C TYR B 273 -33.62 2.54 6.73
N ASP B 274 -32.92 2.38 7.84
CA ASP B 274 -31.93 3.36 8.32
C ASP B 274 -30.58 3.36 7.56
N ILE B 275 -30.43 2.48 6.58
CA ILE B 275 -29.17 2.36 5.81
C ILE B 275 -28.92 3.58 4.94
N PRO B 276 -27.79 4.25 5.15
CA PRO B 276 -27.42 5.43 4.36
C PRO B 276 -27.53 5.18 2.87
N HIS B 277 -28.19 6.08 2.16
CA HIS B 277 -28.40 6.00 0.71
C HIS B 277 -28.97 4.66 0.23
N ARG B 278 -29.89 4.09 1.03
CA ARG B 278 -30.49 2.78 0.79
C ARG B 278 -31.01 2.55 -0.61
N ALA B 279 -31.86 3.47 -1.07
CA ALA B 279 -32.48 3.35 -2.39
C ALA B 279 -31.45 3.31 -3.50
N ARG B 280 -30.48 4.20 -3.42
CA ARG B 280 -29.43 4.27 -4.43
C ARG B 280 -28.53 3.01 -4.41
N MET B 281 -28.38 2.37 -3.24
CA MET B 281 -27.55 1.17 -3.16
C MET B 281 -28.29 -0.03 -3.75
N ILE B 282 -29.56 -0.17 -3.38
CA ILE B 282 -30.42 -1.22 -3.93
C ILE B 282 -30.48 -1.15 -5.45
N SER B 283 -30.63 0.05 -5.96
CA SER B 283 -30.60 0.25 -7.38
C SER B 283 -29.26 -0.25 -7.96
N LEU B 284 -28.17 -0.04 -7.22
CA LEU B 284 -26.84 -0.47 -7.69
C LEU B 284 -26.73 -2.00 -7.69
N ILE B 285 -27.19 -2.60 -6.61
CA ILE B 285 -27.22 -4.03 -6.45
C ILE B 285 -28.08 -4.72 -7.53
N GLU B 286 -29.35 -4.29 -7.62
CA GLU B 286 -30.30 -4.89 -8.54
C GLU B 286 -29.84 -4.86 -9.97
N SER B 287 -29.28 -3.74 -10.41
CA SER B 287 -28.75 -3.71 -11.76
C SER B 287 -27.49 -4.60 -11.90
N GLY B 288 -26.69 -4.65 -10.83
CA GLY B 288 -25.44 -5.40 -10.82
C GLY B 288 -25.62 -6.91 -10.97
N TRP B 289 -26.69 -7.43 -10.41
CA TRP B 289 -26.96 -8.87 -10.51
C TRP B 289 -28.13 -9.26 -11.46
N ALA B 290 -28.39 -8.40 -12.46
CA ALA B 290 -29.44 -8.64 -13.47
C ALA B 290 -29.23 -10.00 -14.11
N GLN B 291 -30.32 -10.71 -14.42
CA GLN B 291 -30.25 -12.01 -15.10
C GLN B 291 -29.55 -11.84 -16.46
N ASN B 292 -29.86 -10.74 -17.15
CA ASN B 292 -29.23 -10.42 -18.44
C ASN B 292 -27.96 -9.58 -18.28
N PRO B 293 -26.79 -10.19 -18.53
CA PRO B 293 -25.47 -9.55 -18.46
C PRO B 293 -25.41 -8.17 -19.10
N ASP B 294 -26.16 -7.97 -20.17
CA ASP B 294 -26.15 -6.71 -20.92
C ASP B 294 -26.68 -5.53 -20.12
N GLU B 295 -27.60 -5.78 -19.20
CA GLU B 295 -28.17 -4.71 -18.37
C GLU B 295 -27.25 -4.27 -17.22
N ARG B 296 -26.33 -5.16 -16.84
CA ARG B 296 -25.35 -4.90 -15.77
C ARG B 296 -24.41 -3.76 -16.15
N PRO B 297 -24.11 -2.86 -15.19
CA PRO B 297 -23.24 -1.68 -15.42
C PRO B 297 -21.75 -1.97 -15.38
N SER B 298 -20.94 -1.07 -15.94
CA SER B 298 -19.49 -1.19 -15.83
C SER B 298 -19.09 -0.73 -14.41
N PHE B 299 -17.83 -0.94 -14.04
CA PHE B 299 -17.37 -0.48 -12.73
C PHE B 299 -17.25 1.04 -12.70
N LEU B 300 -16.82 1.63 -13.84
CA LEU B 300 -16.75 3.09 -14.00
C LEU B 300 -18.07 3.73 -13.59
N LYS B 301 -19.16 3.19 -14.11
CA LYS B 301 -20.50 3.64 -13.79
C LYS B 301 -20.74 3.55 -12.28
N CYS B 302 -20.40 2.42 -11.67
CA CYS B 302 -20.54 2.25 -10.22
C CYS B 302 -19.75 3.30 -9.43
N LEU B 303 -18.55 3.62 -9.91
CA LEU B 303 -17.73 4.60 -9.25
C LEU B 303 -18.44 5.95 -9.22
N ILE B 304 -18.84 6.40 -10.40
CA ILE B 304 -19.59 7.65 -10.61
C ILE B 304 -20.78 7.75 -9.64
N GLU B 305 -21.45 6.63 -9.42
CA GLU B 305 -22.56 6.54 -8.48
C GLU B 305 -22.09 6.62 -7.01
N LEU B 306 -20.92 6.05 -6.72
CA LEU B 306 -20.41 5.98 -5.32
C LEU B 306 -19.65 7.22 -4.83
N GLU B 307 -18.96 7.90 -5.75
CA GLU B 307 -18.22 9.11 -5.40
C GLU B 307 -19.03 10.12 -4.56
N PRO B 308 -20.29 10.45 -4.96
CA PRO B 308 -21.05 11.37 -4.11
C PRO B 308 -21.42 10.78 -2.78
N VAL B 309 -21.66 9.48 -2.71
CA VAL B 309 -22.03 8.86 -1.43
C VAL B 309 -20.90 8.97 -0.40
N LEU B 310 -19.68 8.65 -0.82
CA LEU B 310 -18.52 8.68 0.06
C LEU B 310 -18.20 10.08 0.55
N ARG B 311 -18.49 11.10 -0.27
CA ARG B 311 -18.26 12.48 0.15
C ARG B 311 -19.21 12.92 1.28
N THR B 312 -20.20 12.11 1.63
CA THR B 312 -21.09 12.47 2.75
C THR B 312 -20.55 12.02 4.12
N PHE B 313 -19.37 11.40 4.16
CA PHE B 313 -18.80 10.95 5.42
C PHE B 313 -17.55 11.74 5.72
N GLU B 314 -17.47 12.31 6.91
CA GLU B 314 -16.27 13.05 7.31
C GLU B 314 -15.12 12.07 7.56
N GLU B 315 -13.91 12.51 7.24
CA GLU B 315 -12.70 11.71 7.39
C GLU B 315 -12.60 11.06 8.76
N ILE B 316 -12.87 11.83 9.80
CA ILE B 316 -12.77 11.36 11.18
C ILE B 316 -13.54 10.05 11.43
N THR B 317 -14.71 9.89 10.80
CA THR B 317 -15.54 8.69 11.00
C THR B 317 -14.85 7.38 10.58
N PHE B 318 -13.99 7.42 9.56
CA PHE B 318 -13.24 6.21 9.19
C PHE B 318 -12.29 5.78 10.31
N LEU B 319 -11.54 6.74 10.86
CA LEU B 319 -10.62 6.48 11.96
C LEU B 319 -11.36 5.98 13.20
N GLU B 320 -12.53 6.57 13.48
CA GLU B 320 -13.31 6.12 14.63
C GLU B 320 -13.75 4.68 14.42
N ALA B 321 -14.20 4.35 13.20
CA ALA B 321 -14.67 3.00 12.91
C ALA B 321 -13.56 1.94 13.13
N VAL B 322 -12.33 2.26 12.72
CA VAL B 322 -11.19 1.34 12.91
C VAL B 322 -10.86 1.19 14.41
N ILE B 323 -10.78 2.29 15.16
CA ILE B 323 -10.53 2.23 16.60
C ILE B 323 -11.59 1.37 17.30
N GLN B 324 -12.83 1.50 16.85
CA GLN B 324 -13.93 0.71 17.39
C GLN B 324 -13.73 -0.80 17.17
N LEU B 325 -13.14 -1.16 16.03
CA LEU B 325 -12.91 -2.58 15.72
C LEU B 325 -11.72 -3.21 16.45
N LYS B 326 -10.80 -2.41 16.97
CA LYS B 326 -9.57 -2.91 17.60
C LYS B 326 -9.78 -3.73 18.85
CA CA C . -14.53 -6.07 19.39
#